data_3V1U
#
_entry.id   3V1U
#
_cell.length_a   103.059
_cell.length_b   103.059
_cell.length_c   76.047
_cell.angle_alpha   90.00
_cell.angle_beta   90.00
_cell.angle_gamma   120.00
#
_symmetry.space_group_name_H-M   'P 32 2 1'
#
loop_
_entity.id
_entity.type
_entity.pdbx_description
1 polymer '3-oxoacyl-(Acyl-carrier-protein) reductase'
2 non-polymer NICOTINAMIDE-ADENINE-DINUCLEOTIDE
3 non-polymer 'HEXANOYL-COENZYME A'
4 non-polymer (2S,5R,8R,11S,14S,17S,21R)-5,8,11,14,17-PENTAMETHYL-4,7,10,13,16,19-HEXAOXADOCOSANE-2,21-DIOL
5 water water
#
_entity_poly.entity_id   1
_entity_poly.type   'polypeptide(L)'
_entity_poly.pdbx_seq_one_letter_code
;HHHHHHGSMAPKRSSDLFSQVVNSGPGSFLARQLGVPQPETLRRYRAGEPPLTGSLLIGGAGRVVEPLRAALEKDYDLVG
NNLGGRWADSFGGLVFDATGITEPAGLKGLHEFFTPVLRNLGRCGRVVVVGGTPEAAASTNERIAQRALEGFTRSLGKEL
RRGATTALVYLSPDAKPAATGLESTMRFLLSAKSAYVDGQVFSVGADDSTPPADWEKPLDGKVAIVTGAARGIGATIAEV
FARDGAHVVAIDVESAAENLAETASKVGGTALWLDVTADDAVDKISEHLRDHHGGKADILVNNAGITRDKLLANMDDARW
DAVLAVNLLAPLRLTEGLVGNGSIGEGGRVIGLSSIAGIAGNRGQTNYATTKAGMIGITQALAPGLAAKGITINAVAPGF
IETQMTAAIPLATREVGRRLNSLLQGGQPVDVAEAIAYFASPASNAVTGNVIRVCGQAMIGA
;
_entity_poly.pdbx_strand_id   A
#
# COMPACT_ATOMS: atom_id res chain seq x y z
N PRO A 37 -12.25 -1.42 26.12
CA PRO A 37 -11.62 -1.16 24.80
C PRO A 37 -12.48 -1.73 23.63
N GLN A 38 -13.07 -0.84 22.81
CA GLN A 38 -14.19 -1.21 21.89
C GLN A 38 -13.96 -0.75 20.39
N PRO A 39 -14.22 -1.67 19.38
CA PRO A 39 -13.86 -1.38 17.96
C PRO A 39 -14.66 -0.24 17.33
N GLU A 40 -14.00 0.68 16.65
CA GLU A 40 -14.71 1.78 15.97
C GLU A 40 -15.28 1.44 14.57
N THR A 41 -16.30 2.19 14.20
CA THR A 41 -16.81 2.19 12.85
C THR A 41 -15.75 2.91 12.07
N LEU A 42 -15.04 2.17 11.23
CA LEU A 42 -13.98 2.79 10.42
C LEU A 42 -14.59 3.52 9.27
N ARG A 43 -14.24 4.77 9.16
CA ARG A 43 -14.71 5.59 8.09
C ARG A 43 -13.88 5.20 6.85
N ARG A 44 -14.58 4.74 5.82
CA ARG A 44 -13.94 4.41 4.56
C ARG A 44 -14.20 5.47 3.53
N TYR A 45 -13.58 5.34 2.37
CA TYR A 45 -13.77 6.36 1.37
C TYR A 45 -15.22 6.48 0.86
N ARG A 46 -15.66 7.71 0.61
CA ARG A 46 -16.92 7.95 -0.12
C ARG A 46 -16.85 9.29 -0.85
N ALA A 47 -17.09 9.28 -2.15
CA ALA A 47 -16.90 10.47 -2.98
C ALA A 47 -17.67 11.72 -2.49
N GLY A 48 -16.98 12.85 -2.41
CA GLY A 48 -17.60 14.08 -1.98
C GLY A 48 -17.36 14.42 -0.52
N GLU A 49 -17.17 13.41 0.34
CA GLU A 49 -16.90 13.68 1.77
C GLU A 49 -15.52 14.30 1.89
N PRO A 50 -15.26 15.04 3.01
CA PRO A 50 -13.91 15.62 3.15
C PRO A 50 -12.91 14.52 3.50
N PRO A 51 -11.62 14.67 3.09
CA PRO A 51 -10.63 13.59 3.31
C PRO A 51 -10.45 13.28 4.79
N LEU A 52 -10.56 14.30 5.63
CA LEU A 52 -10.49 14.17 7.08
C LEU A 52 -11.77 14.60 7.83
N THR A 53 -12.02 14.00 9.01
CA THR A 53 -13.18 14.33 9.83
C THR A 53 -13.02 15.68 10.54
N GLY A 54 -11.83 16.28 10.50
CA GLY A 54 -11.56 17.47 11.31
C GLY A 54 -10.47 18.33 10.73
N SER A 55 -9.88 19.20 11.55
CA SER A 55 -8.82 20.05 10.99
C SER A 55 -7.45 19.37 11.12
N LEU A 56 -6.52 19.86 10.30
CA LEU A 56 -5.18 19.33 10.18
C LEU A 56 -4.14 20.30 10.77
N LEU A 57 -3.57 19.92 11.92
CA LEU A 57 -2.40 20.61 12.48
C LEU A 57 -1.02 20.02 12.03
N ILE A 58 -0.08 20.87 11.67
CA ILE A 58 1.21 20.43 11.12
C ILE A 58 2.42 21.01 11.89
N GLY A 59 2.72 20.50 13.09
CA GLY A 59 3.84 21.00 13.88
C GLY A 59 5.20 20.45 13.51
N GLY A 60 6.14 20.58 14.47
CA GLY A 60 7.51 20.10 14.33
C GLY A 60 8.32 21.15 13.63
N ALA A 61 9.55 20.82 13.26
CA ALA A 61 10.48 21.77 12.65
C ALA A 61 11.43 21.10 11.64
N GLY A 62 11.62 21.69 10.47
CA GLY A 62 12.55 21.17 9.50
C GLY A 62 12.05 21.51 8.10
N ARG A 63 12.65 20.86 7.11
CA ARG A 63 12.41 21.13 5.71
C ARG A 63 11.01 20.69 5.17
N VAL A 64 10.10 20.21 6.01
CA VAL A 64 8.83 19.70 5.47
C VAL A 64 7.57 20.46 5.95
N VAL A 65 7.56 20.92 7.20
CA VAL A 65 6.43 21.68 7.78
C VAL A 65 5.90 22.79 6.89
N GLU A 66 6.81 23.59 6.35
CA GLU A 66 6.39 24.71 5.52
C GLU A 66 5.77 24.22 4.21
N PRO A 67 6.58 23.58 3.32
CA PRO A 67 6.09 23.22 1.96
C PRO A 67 4.86 22.33 1.99
N LEU A 68 4.69 21.64 3.12
CA LEU A 68 3.58 20.72 3.34
C LEU A 68 2.26 21.46 3.58
N ARG A 69 2.31 22.45 4.47
CA ARG A 69 1.25 23.47 4.61
C ARG A 69 0.82 24.01 3.24
N ALA A 70 1.79 24.53 2.50
CA ALA A 70 1.55 25.09 1.17
C ALA A 70 0.83 24.14 0.24
N ALA A 71 1.24 22.87 0.22
CA ALA A 71 0.68 21.92 -0.73
C ALA A 71 -0.72 21.41 -0.33
N LEU A 72 -1.02 21.47 0.97
CA LEU A 72 -2.29 21.00 1.52
C LEU A 72 -3.26 22.09 2.04
N GLU A 73 -2.99 23.38 1.76
CA GLU A 73 -3.92 24.48 2.13
C GLU A 73 -5.22 24.30 1.37
N LYS A 74 -5.09 24.06 0.05
CA LYS A 74 -6.22 23.93 -0.90
C LYS A 74 -7.28 22.91 -0.49
N ASP A 75 -6.91 21.62 -0.33
CA ASP A 75 -7.88 20.52 -0.05
C ASP A 75 -8.12 20.15 1.42
N TYR A 76 -7.30 20.70 2.30
CA TYR A 76 -7.47 20.45 3.74
C TYR A 76 -7.85 21.72 4.53
N ASP A 77 -8.28 21.46 5.75
CA ASP A 77 -8.78 22.46 6.65
C ASP A 77 -7.68 22.72 7.68
N LEU A 78 -6.77 23.61 7.32
CA LEU A 78 -5.59 23.90 8.16
C LEU A 78 -5.84 24.65 9.48
N VAL A 79 -5.13 24.23 10.53
CA VAL A 79 -5.08 24.96 11.78
C VAL A 79 -3.92 26.00 11.79
N GLY A 80 -4.15 27.20 12.37
CA GLY A 80 -5.39 27.53 13.10
C GLY A 80 -6.00 28.86 12.71
N ALA A 88 -7.89 24.42 18.65
CA ALA A 88 -8.99 24.55 19.62
C ALA A 88 -10.16 23.49 19.52
N ASP A 89 -10.44 22.93 18.33
CA ASP A 89 -11.62 22.06 18.20
C ASP A 89 -11.46 20.78 17.34
N SER A 90 -11.95 19.62 17.84
CA SER A 90 -11.70 18.23 17.29
C SER A 90 -10.74 18.05 16.08
N PHE A 91 -9.51 17.55 16.34
CA PHE A 91 -8.46 17.33 15.28
C PHE A 91 -8.69 16.10 14.43
N GLY A 92 -8.65 16.27 13.11
CA GLY A 92 -8.83 15.17 12.20
C GLY A 92 -7.49 14.54 11.85
N GLY A 93 -6.41 15.27 12.07
CA GLY A 93 -5.06 14.77 11.77
C GLY A 93 -3.90 15.60 12.29
N LEU A 94 -3.04 14.96 13.10
CA LEU A 94 -1.79 15.56 13.57
C LEU A 94 -0.61 15.11 12.72
N VAL A 95 0.28 16.03 12.37
CA VAL A 95 1.44 15.76 11.51
C VAL A 95 2.66 16.47 12.05
N PHE A 96 3.67 15.70 12.46
CA PHE A 96 4.92 16.22 13.05
C PHE A 96 6.09 16.09 12.05
N ASP A 97 6.66 17.22 11.63
CA ASP A 97 7.88 17.23 10.81
C ASP A 97 9.07 16.96 11.71
N ALA A 98 9.74 15.85 11.46
CA ALA A 98 10.72 15.33 12.41
C ALA A 98 12.11 15.59 11.89
N THR A 99 12.18 16.01 10.62
CA THR A 99 13.43 16.11 9.83
C THR A 99 14.42 17.03 10.52
N GLY A 100 13.88 18.01 11.24
CA GLY A 100 14.68 18.86 12.08
C GLY A 100 15.54 18.18 13.14
N ILE A 101 15.13 17.00 13.62
CA ILE A 101 15.83 16.36 14.74
C ILE A 101 17.17 15.72 14.30
N THR A 102 18.28 16.22 14.85
CA THR A 102 19.61 15.90 14.30
C THR A 102 20.49 15.12 15.27
N GLU A 103 20.04 15.04 16.53
CA GLU A 103 20.68 14.23 17.54
C GLU A 103 19.61 13.71 18.48
N PRO A 104 19.92 12.60 19.15
CA PRO A 104 18.98 11.90 20.02
C PRO A 104 18.32 12.76 21.08
N ALA A 105 19.01 13.79 21.59
CA ALA A 105 18.43 14.72 22.59
C ALA A 105 17.27 15.48 21.98
N GLY A 106 17.29 15.61 20.66
CA GLY A 106 16.19 16.26 19.94
C GLY A 106 14.83 15.58 20.13
N LEU A 107 14.83 14.26 20.35
CA LEU A 107 13.58 13.49 20.35
C LEU A 107 12.56 13.92 21.38
N LYS A 108 12.92 14.81 22.32
CA LYS A 108 11.96 15.49 23.23
C LYS A 108 10.87 16.19 22.39
N GLY A 109 11.23 16.65 21.19
CA GLY A 109 10.29 17.28 20.27
C GLY A 109 8.93 16.60 20.07
N LEU A 110 8.93 15.25 19.99
CA LEU A 110 7.72 14.47 19.71
C LEU A 110 6.81 14.62 20.90
N HIS A 111 7.42 14.53 22.06
CA HIS A 111 6.73 14.67 23.35
C HIS A 111 6.00 16.03 23.50
N GLU A 112 6.68 17.10 23.07
CA GLU A 112 6.18 18.44 23.30
C GLU A 112 5.02 18.70 22.35
N PHE A 113 5.13 18.15 21.13
CA PHE A 113 4.08 18.32 20.16
C PHE A 113 2.94 17.38 20.43
N PHE A 114 3.18 16.16 20.89
CA PHE A 114 2.08 15.20 20.88
C PHE A 114 1.23 15.21 22.13
N THR A 115 1.87 15.24 23.30
CA THR A 115 1.18 15.13 24.60
C THR A 115 -0.02 16.08 24.83
N PRO A 116 0.12 17.39 24.48
CA PRO A 116 -1.08 18.27 24.57
C PRO A 116 -2.21 17.83 23.64
N VAL A 117 -1.91 17.78 22.34
CA VAL A 117 -2.91 17.57 21.30
C VAL A 117 -3.64 16.20 21.24
N LEU A 118 -3.12 15.17 21.89
CA LEU A 118 -3.64 13.81 21.71
C LEU A 118 -5.08 13.58 22.13
N ARG A 119 -5.45 14.15 23.29
CA ARG A 119 -6.82 14.03 23.86
C ARG A 119 -7.86 14.61 22.86
N ASN A 120 -7.41 15.57 22.05
CA ASN A 120 -8.22 16.26 21.03
C ASN A 120 -8.13 15.62 19.62
N LEU A 121 -7.92 14.32 19.55
CA LEU A 121 -7.81 13.66 18.26
C LEU A 121 -9.12 12.99 17.89
N GLY A 122 -9.63 13.38 16.73
CA GLY A 122 -10.87 12.82 16.19
C GLY A 122 -10.97 11.29 16.03
N ARG A 123 -12.23 10.85 16.02
CA ARG A 123 -12.65 9.68 15.29
C ARG A 123 -11.84 9.52 13.98
N CYS A 124 -11.22 8.35 13.85
CA CYS A 124 -10.49 7.93 12.63
C CYS A 124 -9.54 9.01 12.16
N GLY A 125 -8.83 9.56 13.14
CA GLY A 125 -7.81 10.53 12.88
C GLY A 125 -6.51 9.87 12.51
N ARG A 126 -5.59 10.68 12.01
CA ARG A 126 -4.42 10.21 11.34
C ARG A 126 -3.23 10.94 11.91
N VAL A 127 -2.36 10.20 12.60
CA VAL A 127 -1.05 10.74 13.00
C VAL A 127 0.03 10.36 11.96
N VAL A 128 0.85 11.33 11.56
CA VAL A 128 1.94 11.05 10.65
C VAL A 128 3.16 11.82 11.13
N VAL A 129 4.28 11.11 11.27
CA VAL A 129 5.58 11.67 11.56
C VAL A 129 6.37 11.54 10.30
N VAL A 130 6.87 12.67 9.79
CA VAL A 130 7.66 12.69 8.58
C VAL A 130 9.11 12.90 8.94
N GLY A 131 9.98 11.98 8.56
CA GLY A 131 11.39 12.10 8.93
C GLY A 131 12.27 12.01 7.71
N GLY A 132 13.57 12.06 7.94
CA GLY A 132 14.53 11.83 6.87
C GLY A 132 15.10 10.40 6.83
N THR A 133 15.13 9.83 5.64
CA THR A 133 15.73 8.51 5.41
C THR A 133 16.94 8.31 6.31
N PRO A 134 16.89 7.35 7.28
CA PRO A 134 18.04 7.31 8.20
C PRO A 134 19.43 7.03 7.56
N GLU A 135 19.50 6.09 6.61
CA GLU A 135 20.76 5.75 5.86
C GLU A 135 21.41 6.98 5.26
N ALA A 136 20.63 8.01 4.95
CA ALA A 136 21.11 9.15 4.13
C ALA A 136 21.37 10.42 4.95
N ALA A 137 21.37 10.26 6.27
CA ALA A 137 21.52 11.39 7.14
C ALA A 137 22.97 11.94 7.02
N ALA A 138 23.19 13.12 7.59
CA ALA A 138 24.42 13.85 7.36
C ALA A 138 25.41 13.51 8.46
N SER A 139 24.89 13.03 9.58
CA SER A 139 25.70 12.53 10.66
C SER A 139 25.05 11.28 11.21
N THR A 140 25.86 10.49 11.95
CA THR A 140 25.44 9.28 12.61
C THR A 140 24.40 9.65 13.68
N ASN A 141 24.66 10.72 14.40
CA ASN A 141 23.67 11.22 15.33
C ASN A 141 22.27 11.38 14.75
N GLU A 142 22.19 11.87 13.52
CA GLU A 142 20.89 12.15 12.90
C GLU A 142 20.29 10.80 12.52
N ARG A 143 21.14 9.90 11.98
CA ARG A 143 20.68 8.57 11.61
C ARG A 143 20.06 7.85 12.81
N ILE A 144 20.66 8.04 14.01
CA ILE A 144 20.23 7.38 15.23
C ILE A 144 18.87 7.92 15.62
N ALA A 145 18.68 9.23 15.48
CA ALA A 145 17.44 9.85 15.90
C ALA A 145 16.32 9.51 14.94
N GLN A 146 16.59 9.55 13.64
CA GLN A 146 15.51 9.28 12.67
C GLN A 146 15.07 7.83 12.71
N ARG A 147 16.00 6.96 13.10
CA ARG A 147 15.73 5.54 13.17
C ARG A 147 14.80 5.28 14.35
N ALA A 148 15.04 5.97 15.44
CA ALA A 148 14.33 5.73 16.65
C ALA A 148 12.84 6.07 16.51
N LEU A 149 12.48 6.86 15.49
CA LEU A 149 11.13 7.32 15.32
C LEU A 149 10.20 6.17 15.11
N GLU A 150 10.66 5.11 14.45
CA GLU A 150 9.80 3.95 14.13
C GLU A 150 9.22 3.43 15.40
N GLY A 151 10.08 3.34 16.44
CA GLY A 151 9.69 2.87 17.76
C GLY A 151 8.60 3.74 18.36
N PHE A 152 8.69 5.07 18.14
CA PHE A 152 7.67 6.05 18.55
C PHE A 152 6.31 5.88 17.81
N THR A 153 6.34 5.91 16.49
CA THR A 153 5.10 5.79 15.72
C THR A 153 4.39 4.46 15.96
N ARG A 154 5.11 3.35 16.04
CA ARG A 154 4.44 2.06 16.32
C ARG A 154 3.92 1.97 17.74
N SER A 155 4.63 2.51 18.73
CA SER A 155 4.10 2.45 20.10
C SER A 155 2.83 3.31 20.21
N LEU A 156 2.80 4.47 19.57
CA LEU A 156 1.66 5.37 19.70
C LEU A 156 0.40 4.84 18.99
N GLY A 157 0.63 4.19 17.83
CA GLY A 157 -0.43 3.47 17.12
C GLY A 157 -1.18 2.54 18.04
N LYS A 158 -0.50 2.01 19.05
CA LYS A 158 -1.13 1.08 20.01
C LYS A 158 -1.84 1.78 21.20
N GLU A 159 -1.83 3.13 21.20
CA GLU A 159 -2.45 3.98 22.24
C GLU A 159 -3.64 4.78 21.69
N LEU A 160 -3.59 5.23 20.42
CA LEU A 160 -4.71 5.97 19.80
C LEU A 160 -6.02 5.28 20.02
N ARG A 161 -7.07 6.09 20.14
CA ARG A 161 -8.41 5.56 20.44
C ARG A 161 -9.33 5.71 19.26
N ARG A 162 -10.42 4.93 19.27
CA ARG A 162 -11.54 5.22 18.36
C ARG A 162 -11.13 5.24 16.87
N GLY A 163 -10.50 4.15 16.47
CA GLY A 163 -10.04 3.92 15.10
C GLY A 163 -8.94 4.78 14.51
N ALA A 164 -8.23 5.57 15.33
CA ALA A 164 -7.22 6.50 14.72
C ALA A 164 -5.92 5.74 14.53
N THR A 165 -5.09 6.25 13.63
CA THR A 165 -3.92 5.51 13.18
C THR A 165 -2.69 6.40 13.18
N THR A 166 -1.51 5.78 13.30
CA THR A 166 -0.22 6.45 13.05
C THR A 166 0.49 5.92 11.80
N ALA A 167 1.34 6.77 11.21
CA ALA A 167 2.20 6.41 10.12
C ALA A 167 3.55 7.12 10.24
N LEU A 168 4.64 6.49 9.77
CA LEU A 168 5.94 7.09 9.71
C LEU A 168 6.33 7.15 8.24
N VAL A 169 6.76 8.32 7.79
CA VAL A 169 7.14 8.45 6.41
C VAL A 169 8.52 9.06 6.41
N TYR A 170 9.49 8.38 5.78
CA TYR A 170 10.79 8.96 5.53
C TYR A 170 10.86 9.65 4.15
N LEU A 171 11.57 10.78 4.11
CA LEU A 171 11.77 11.51 2.87
C LEU A 171 13.24 11.73 2.59
N SER A 172 13.66 11.39 1.37
CA SER A 172 15.05 11.55 0.94
C SER A 172 15.52 12.96 1.17
N PRO A 173 16.69 13.14 1.83
CA PRO A 173 17.18 14.52 2.01
C PRO A 173 17.60 15.19 0.68
N ASP A 174 17.66 14.42 -0.41
CA ASP A 174 17.89 14.95 -1.76
C ASP A 174 16.60 15.51 -2.42
N ALA A 175 15.48 15.43 -1.72
CA ALA A 175 14.24 15.88 -2.30
C ALA A 175 14.33 17.41 -2.40
N LYS A 176 13.93 17.96 -3.56
CA LYS A 176 13.72 19.40 -3.73
C LYS A 176 12.75 19.94 -2.66
N PRO A 177 12.98 21.18 -2.17
CA PRO A 177 12.26 21.77 -1.01
C PRO A 177 10.74 21.74 -1.09
N ALA A 178 10.21 21.88 -2.30
CA ALA A 178 8.76 21.72 -2.52
C ALA A 178 8.26 20.32 -2.05
N ALA A 179 9.07 19.28 -2.24
CA ALA A 179 8.73 17.91 -1.87
C ALA A 179 7.40 17.55 -2.51
N THR A 180 7.38 17.58 -3.84
CA THR A 180 6.22 17.23 -4.64
C THR A 180 6.14 15.71 -4.72
N GLY A 181 7.31 15.08 -4.51
CA GLY A 181 7.40 13.62 -4.39
C GLY A 181 6.64 13.03 -3.22
N LEU A 182 6.28 13.84 -2.23
CA LEU A 182 5.66 13.39 -0.98
C LEU A 182 4.15 13.48 -0.89
N GLU A 183 3.53 14.12 -1.90
CA GLU A 183 2.11 14.46 -1.84
C GLU A 183 1.16 13.24 -1.99
N SER A 184 1.48 12.34 -2.90
CA SER A 184 0.64 11.19 -3.04
C SER A 184 0.50 10.46 -1.68
N THR A 185 1.60 10.37 -0.93
CA THR A 185 1.67 9.57 0.31
C THR A 185 0.91 10.26 1.41
N MET A 186 1.16 11.56 1.56
CA MET A 186 0.39 12.32 2.56
C MET A 186 -1.12 12.32 2.20
N ARG A 187 -1.44 12.51 0.93
CA ARG A 187 -2.86 12.50 0.55
C ARG A 187 -3.52 11.16 0.85
N PHE A 188 -2.77 10.06 0.68
CA PHE A 188 -3.29 8.74 1.02
C PHE A 188 -3.47 8.61 2.50
N LEU A 189 -2.46 8.97 3.28
CA LEU A 189 -2.52 8.67 4.71
C LEU A 189 -3.61 9.50 5.39
N LEU A 190 -3.63 10.80 5.04
CA LEU A 190 -4.61 11.72 5.52
C LEU A 190 -5.93 11.67 4.72
N SER A 191 -6.64 10.53 4.84
CA SER A 191 -7.90 10.31 4.15
C SER A 191 -8.56 9.08 4.74
N ALA A 192 -9.80 8.80 4.33
CA ALA A 192 -10.47 7.59 4.80
C ALA A 192 -9.91 6.38 4.06
N LYS A 193 -9.22 6.65 2.97
CA LYS A 193 -8.67 5.57 2.16
C LYS A 193 -7.72 4.68 2.95
N SER A 194 -6.91 5.27 3.84
CA SER A 194 -5.97 4.44 4.62
C SER A 194 -6.60 3.72 5.82
N ALA A 195 -7.92 3.68 5.87
CA ALA A 195 -8.63 3.12 7.02
C ALA A 195 -7.97 1.91 7.75
N TYR A 196 -7.32 1.01 7.01
CA TYR A 196 -6.83 -0.23 7.64
C TYR A 196 -5.30 -0.30 7.64
N VAL A 197 -4.67 0.81 7.29
CA VAL A 197 -3.22 0.93 7.33
C VAL A 197 -2.79 1.64 8.61
N ASP A 198 -2.03 0.94 9.44
CA ASP A 198 -1.73 1.47 10.76
C ASP A 198 -0.39 1.00 11.21
N GLY A 199 0.47 1.96 11.53
CA GLY A 199 1.71 1.69 12.20
C GLY A 199 2.83 1.42 11.26
N GLN A 200 2.64 1.76 9.99
CA GLN A 200 3.55 1.29 8.96
C GLN A 200 4.63 2.32 8.67
N VAL A 201 5.56 2.00 7.75
CA VAL A 201 6.63 2.90 7.38
C VAL A 201 6.72 3.01 5.88
N PHE A 202 6.56 4.22 5.39
CA PHE A 202 6.67 4.54 3.99
C PHE A 202 8.01 5.23 3.80
N SER A 203 8.55 5.14 2.59
CA SER A 203 9.87 5.59 2.22
C SER A 203 9.76 6.22 0.87
N VAL A 204 9.79 7.55 0.83
CA VAL A 204 9.75 8.34 -0.39
C VAL A 204 11.16 8.78 -0.82
N GLY A 205 11.45 8.71 -2.12
CA GLY A 205 12.80 8.98 -2.68
C GLY A 205 13.01 10.44 -3.02
N ALA A 206 13.85 10.72 -4.03
CA ALA A 206 14.24 12.12 -4.34
C ALA A 206 13.48 12.84 -5.46
N ASP A 207 13.02 12.08 -6.47
CA ASP A 207 12.37 12.57 -7.70
C ASP A 207 11.19 13.51 -7.48
N ASP A 208 11.05 14.49 -8.38
CA ASP A 208 9.88 15.39 -8.33
C ASP A 208 8.64 14.68 -8.90
N SER A 209 7.45 15.18 -8.54
CA SER A 209 6.18 14.60 -8.99
C SER A 209 5.25 15.62 -9.63
N THR A 210 4.60 15.21 -10.73
CA THR A 210 3.46 15.95 -11.30
C THR A 210 2.17 15.49 -10.64
N PRO A 211 1.32 16.46 -10.19
CA PRO A 211 -0.01 16.06 -9.69
C PRO A 211 -0.84 15.51 -10.84
N PRO A 212 -1.73 14.55 -10.53
CA PRO A 212 -2.66 14.10 -11.55
C PRO A 212 -3.66 15.23 -11.87
N ALA A 213 -4.15 15.27 -13.12
CA ALA A 213 -5.21 16.21 -13.52
C ALA A 213 -6.33 16.35 -12.46
N ASP A 214 -6.87 15.24 -11.96
CA ASP A 214 -7.85 15.34 -10.86
C ASP A 214 -7.53 14.34 -9.77
N TRP A 215 -7.17 14.87 -8.59
CA TRP A 215 -6.82 14.04 -7.44
C TRP A 215 -7.93 13.08 -7.11
N GLU A 216 -9.19 13.45 -7.36
CA GLU A 216 -10.33 12.58 -7.07
C GLU A 216 -10.51 11.39 -8.02
N LYS A 217 -9.93 11.51 -9.21
CA LYS A 217 -9.84 10.40 -10.18
C LYS A 217 -8.39 10.22 -10.73
N PRO A 218 -7.48 9.73 -9.86
CA PRO A 218 -6.04 9.68 -10.13
C PRO A 218 -5.59 8.74 -11.24
N LEU A 219 -6.32 7.66 -11.48
CA LEU A 219 -5.93 6.70 -12.52
C LEU A 219 -6.63 6.98 -13.86
N ASP A 220 -7.23 8.16 -13.97
CA ASP A 220 -7.88 8.61 -15.22
C ASP A 220 -7.04 8.32 -16.45
N GLY A 221 -7.61 7.59 -17.40
CA GLY A 221 -6.90 7.26 -18.64
C GLY A 221 -5.74 6.25 -18.52
N LYS A 222 -5.56 5.65 -17.35
CA LYS A 222 -4.53 4.60 -17.20
C LYS A 222 -5.16 3.26 -17.51
N VAL A 223 -4.34 2.33 -17.95
CA VAL A 223 -4.76 0.97 -18.25
C VAL A 223 -4.09 0.03 -17.26
N ALA A 224 -4.91 -0.70 -16.53
CA ALA A 224 -4.43 -1.51 -15.41
C ALA A 224 -4.74 -2.96 -15.64
N ILE A 225 -3.72 -3.84 -15.55
CA ILE A 225 -3.95 -5.30 -15.56
C ILE A 225 -4.05 -5.86 -14.13
N VAL A 226 -5.19 -6.47 -13.80
CA VAL A 226 -5.36 -7.15 -12.51
C VAL A 226 -5.44 -8.67 -12.63
N THR A 227 -4.46 -9.37 -12.08
CA THR A 227 -4.56 -10.83 -12.06
C THR A 227 -5.39 -11.31 -10.85
N GLY A 228 -6.18 -12.35 -11.08
CA GLY A 228 -7.03 -12.90 -10.06
C GLY A 228 -8.21 -11.99 -9.75
N ALA A 229 -8.82 -11.40 -10.80
CA ALA A 229 -9.93 -10.47 -10.62
C ALA A 229 -11.32 -11.05 -10.57
N ALA A 230 -11.51 -12.37 -10.60
CA ALA A 230 -12.89 -12.94 -10.60
C ALA A 230 -13.62 -12.71 -9.30
N ARG A 231 -12.87 -12.69 -8.20
CA ARG A 231 -13.46 -12.55 -6.87
C ARG A 231 -12.46 -12.01 -5.83
N GLY A 232 -12.92 -11.93 -4.58
CA GLY A 232 -12.13 -11.54 -3.42
C GLY A 232 -11.46 -10.17 -3.57
N ILE A 233 -10.24 -10.05 -3.09
CA ILE A 233 -9.49 -8.79 -3.16
C ILE A 233 -9.27 -8.34 -4.59
N GLY A 234 -8.94 -9.27 -5.48
CA GLY A 234 -8.73 -8.94 -6.90
C GLY A 234 -9.87 -8.19 -7.56
N ALA A 235 -11.10 -8.61 -7.31
CA ALA A 235 -12.27 -7.93 -7.89
C ALA A 235 -12.44 -6.49 -7.37
N THR A 236 -12.15 -6.30 -6.06
CA THR A 236 -12.33 -5.00 -5.41
C THR A 236 -11.28 -4.04 -5.87
N ILE A 237 -10.13 -4.56 -6.29
CA ILE A 237 -9.07 -3.77 -6.97
C ILE A 237 -9.56 -3.22 -8.32
N ALA A 238 -10.10 -4.13 -9.13
CA ALA A 238 -10.82 -3.71 -10.34
C ALA A 238 -11.82 -2.59 -10.01
N GLU A 239 -12.65 -2.77 -8.99
CA GLU A 239 -13.63 -1.72 -8.67
C GLU A 239 -12.96 -0.41 -8.35
N VAL A 240 -12.07 -0.45 -7.35
CA VAL A 240 -11.36 0.77 -6.98
C VAL A 240 -10.63 1.37 -8.19
N PHE A 241 -9.94 0.56 -9.00
CA PHE A 241 -9.20 1.09 -10.15
C PHE A 241 -10.14 1.81 -11.14
N ALA A 242 -11.34 1.23 -11.30
CA ALA A 242 -12.40 1.78 -12.13
C ALA A 242 -12.91 3.10 -11.53
N ARG A 243 -13.22 3.09 -10.24
CA ARG A 243 -13.64 4.28 -9.50
C ARG A 243 -12.70 5.46 -9.74
N ASP A 244 -11.39 5.18 -9.78
CA ASP A 244 -10.36 6.21 -9.92
C ASP A 244 -10.05 6.52 -11.39
N GLY A 245 -10.84 5.95 -12.32
CA GLY A 245 -10.76 6.26 -13.76
C GLY A 245 -9.96 5.36 -14.68
N ALA A 246 -9.68 4.14 -14.26
CA ALA A 246 -8.78 3.31 -15.06
C ALA A 246 -9.54 2.25 -15.85
N HIS A 247 -8.93 1.74 -16.93
CA HIS A 247 -9.52 0.68 -17.69
C HIS A 247 -8.82 -0.55 -17.25
N VAL A 248 -9.60 -1.50 -16.76
CA VAL A 248 -9.05 -2.69 -16.18
C VAL A 248 -9.08 -3.86 -17.15
N VAL A 249 -7.96 -4.55 -17.26
CA VAL A 249 -7.94 -5.87 -17.84
C VAL A 249 -7.98 -6.81 -16.66
N ALA A 250 -9.05 -7.58 -16.59
CA ALA A 250 -9.30 -8.47 -15.49
C ALA A 250 -8.99 -9.90 -15.93
N ILE A 251 -7.97 -10.49 -15.31
CA ILE A 251 -7.45 -11.82 -15.67
C ILE A 251 -7.86 -12.84 -14.60
N ASP A 252 -8.14 -14.08 -15.01
CA ASP A 252 -8.46 -15.19 -14.10
C ASP A 252 -8.67 -16.49 -14.87
N VAL A 253 -8.63 -17.62 -14.19
CA VAL A 253 -8.73 -18.91 -14.87
C VAL A 253 -10.08 -19.23 -15.50
N GLU A 254 -10.06 -20.21 -16.41
CA GLU A 254 -11.26 -20.72 -17.05
C GLU A 254 -12.30 -21.08 -15.98
N SER A 255 -11.92 -21.89 -14.99
CA SER A 255 -12.83 -22.25 -13.87
C SER A 255 -13.72 -21.10 -13.43
N ALA A 256 -13.10 -19.93 -13.17
CA ALA A 256 -13.78 -18.71 -12.68
C ALA A 256 -14.91 -18.22 -13.56
N ALA A 257 -14.78 -18.49 -14.86
CA ALA A 257 -15.86 -18.41 -15.85
C ALA A 257 -17.06 -17.53 -15.44
N GLU A 258 -17.09 -16.27 -15.87
CA GLU A 258 -18.33 -15.48 -15.67
C GLU A 258 -18.36 -14.66 -14.39
N ASN A 259 -17.85 -15.24 -13.30
CA ASN A 259 -17.51 -14.43 -12.13
C ASN A 259 -16.64 -13.24 -12.60
N LEU A 260 -15.72 -13.59 -13.50
CA LEU A 260 -14.82 -12.69 -14.20
C LEU A 260 -15.56 -11.76 -15.15
N ALA A 261 -16.47 -12.29 -15.96
CA ALA A 261 -17.24 -11.42 -16.86
C ALA A 261 -18.08 -10.45 -16.05
N GLU A 262 -18.62 -10.94 -14.93
CA GLU A 262 -19.44 -10.09 -14.03
C GLU A 262 -18.61 -8.96 -13.46
N THR A 263 -17.37 -9.27 -13.13
CA THR A 263 -16.48 -8.26 -12.64
C THR A 263 -16.12 -7.25 -13.75
N ALA A 264 -15.76 -7.71 -14.95
CA ALA A 264 -15.40 -6.81 -16.08
C ALA A 264 -16.52 -5.86 -16.53
N SER A 265 -17.72 -6.43 -16.66
CA SER A 265 -18.92 -5.68 -16.96
C SER A 265 -19.15 -4.65 -15.84
N LYS A 266 -19.05 -5.10 -14.58
CA LYS A 266 -19.20 -4.23 -13.42
C LYS A 266 -18.25 -3.02 -13.47
N VAL A 267 -16.96 -3.27 -13.72
CA VAL A 267 -15.96 -2.16 -13.77
C VAL A 267 -15.81 -1.46 -15.12
N GLY A 268 -16.56 -1.90 -16.11
CA GLY A 268 -16.47 -1.34 -17.45
C GLY A 268 -15.11 -1.66 -18.04
N GLY A 269 -14.71 -2.92 -17.90
CA GLY A 269 -13.42 -3.38 -18.41
C GLY A 269 -13.54 -4.51 -19.40
N THR A 270 -12.49 -5.31 -19.49
CA THR A 270 -12.43 -6.45 -20.39
C THR A 270 -12.00 -7.64 -19.56
N ALA A 271 -12.36 -8.83 -20.01
CA ALA A 271 -12.07 -10.05 -19.33
C ALA A 271 -11.15 -10.96 -20.13
N LEU A 272 -9.98 -11.31 -19.57
CA LEU A 272 -9.10 -12.25 -20.21
C LEU A 272 -8.96 -13.49 -19.36
N TRP A 273 -9.48 -14.62 -19.85
CA TRP A 273 -9.54 -15.88 -19.13
C TRP A 273 -8.19 -16.55 -19.40
N LEU A 274 -7.29 -16.53 -18.40
CA LEU A 274 -5.91 -16.98 -18.57
C LEU A 274 -5.33 -17.49 -17.26
N ASP A 275 -4.65 -18.63 -17.29
CA ASP A 275 -3.92 -19.16 -16.15
C ASP A 275 -2.51 -18.53 -16.16
N VAL A 276 -2.24 -17.63 -15.21
CA VAL A 276 -1.02 -16.81 -15.22
C VAL A 276 0.24 -17.66 -15.27
N THR A 277 0.11 -18.96 -14.97
CA THR A 277 1.26 -19.88 -14.98
C THR A 277 1.50 -20.51 -16.36
N ALA A 278 0.46 -20.54 -17.21
CA ALA A 278 0.61 -20.96 -18.63
C ALA A 278 1.94 -20.49 -19.28
N ASP A 279 2.61 -21.40 -19.96
CA ASP A 279 3.89 -21.07 -20.63
C ASP A 279 3.79 -19.81 -21.48
N ASP A 280 2.59 -19.47 -21.94
CA ASP A 280 2.44 -18.32 -22.86
C ASP A 280 1.67 -17.09 -22.34
N ALA A 281 1.69 -16.87 -21.02
CA ALA A 281 0.81 -15.89 -20.37
C ALA A 281 1.15 -14.49 -20.89
N VAL A 282 2.44 -14.23 -20.98
CA VAL A 282 2.96 -12.96 -21.48
C VAL A 282 2.48 -12.66 -22.90
N ASP A 283 2.51 -13.66 -23.78
CA ASP A 283 2.04 -13.49 -25.18
C ASP A 283 0.54 -13.12 -25.19
N LYS A 284 -0.26 -13.93 -24.51
CA LYS A 284 -1.68 -13.74 -24.46
C LYS A 284 -2.12 -12.37 -23.95
N ILE A 285 -1.39 -11.84 -22.96
CA ILE A 285 -1.70 -10.53 -22.41
C ILE A 285 -1.26 -9.44 -23.38
N SER A 286 -0.07 -9.56 -23.93
CA SER A 286 0.41 -8.51 -24.85
C SER A 286 -0.52 -8.46 -26.02
N GLU A 287 -1.05 -9.61 -26.39
CA GLU A 287 -1.93 -9.67 -27.53
C GLU A 287 -3.30 -9.04 -27.23
N HIS A 288 -3.90 -9.42 -26.10
CA HIS A 288 -5.09 -8.78 -25.57
C HIS A 288 -4.91 -7.27 -25.47
N LEU A 289 -3.71 -6.82 -25.15
CA LEU A 289 -3.47 -5.39 -25.08
C LEU A 289 -3.42 -4.78 -26.47
N ARG A 290 -2.89 -5.58 -27.42
CA ARG A 290 -2.77 -5.14 -28.80
C ARG A 290 -4.15 -4.83 -29.36
N ASP A 291 -5.11 -5.75 -29.18
CA ASP A 291 -6.50 -5.46 -29.53
C ASP A 291 -6.91 -4.22 -28.79
N HIS A 292 -6.97 -4.30 -27.46
CA HIS A 292 -7.84 -3.36 -26.74
C HIS A 292 -7.26 -2.00 -26.40
N HIS A 293 -5.95 -1.93 -26.14
CA HIS A 293 -5.31 -0.68 -25.68
C HIS A 293 -4.00 -0.37 -26.41
N GLY A 294 -3.98 -0.56 -27.73
CA GLY A 294 -2.82 -0.21 -28.55
C GLY A 294 -1.51 -0.80 -28.08
N GLY A 295 -1.59 -1.96 -27.43
CA GLY A 295 -0.40 -2.67 -26.93
C GLY A 295 0.32 -2.09 -25.70
N LYS A 296 -0.27 -1.07 -25.06
CA LYS A 296 0.30 -0.52 -23.82
C LYS A 296 -0.59 -0.71 -22.56
N ALA A 297 0.06 -0.95 -21.42
CA ALA A 297 -0.59 -1.00 -20.10
C ALA A 297 0.31 -0.26 -19.13
N ASP A 298 -0.33 0.45 -18.19
CA ASP A 298 0.33 1.35 -17.24
C ASP A 298 0.60 0.69 -15.85
N ILE A 299 -0.29 -0.24 -15.46
CA ILE A 299 -0.26 -0.87 -14.15
C ILE A 299 -0.43 -2.40 -14.26
N LEU A 300 0.46 -3.14 -13.64
CA LEU A 300 0.24 -4.59 -13.47
C LEU A 300 0.06 -4.90 -11.98
N VAL A 301 -1.08 -5.49 -11.62
CA VAL A 301 -1.24 -5.94 -10.26
C VAL A 301 -1.20 -7.48 -10.21
N ASN A 302 -0.17 -7.96 -9.54
CA ASN A 302 0.11 -9.37 -9.37
C ASN A 302 -0.59 -9.82 -8.12
N ASN A 303 -1.89 -10.01 -8.27
CA ASN A 303 -2.78 -10.36 -7.16
C ASN A 303 -3.15 -11.85 -7.13
N ALA A 304 -3.27 -12.52 -8.27
CA ALA A 304 -3.65 -13.94 -8.24
C ALA A 304 -2.73 -14.71 -7.29
N GLY A 305 -3.33 -15.55 -6.46
CA GLY A 305 -2.57 -16.42 -5.58
C GLY A 305 -3.38 -17.63 -5.15
N ILE A 306 -2.72 -18.67 -4.62
CA ILE A 306 -3.43 -19.80 -4.04
C ILE A 306 -2.75 -20.20 -2.71
N THR A 307 -3.41 -20.99 -1.86
CA THR A 307 -2.67 -21.69 -0.84
C THR A 307 -2.85 -23.18 -1.06
N ARG A 308 -1.89 -23.97 -0.57
CA ARG A 308 -2.06 -25.41 -0.39
C ARG A 308 -1.40 -25.74 0.92
N ASP A 309 -2.03 -25.35 2.04
CA ASP A 309 -1.42 -25.49 3.38
C ASP A 309 -1.25 -26.93 3.83
N LYS A 310 -0.04 -27.27 4.23
CA LYS A 310 0.28 -28.55 4.81
C LYS A 310 1.52 -28.33 5.66
N LEU A 311 1.71 -29.11 6.72
CA LEU A 311 2.97 -29.03 7.42
C LEU A 311 4.10 -29.53 6.52
N LEU A 312 5.26 -28.89 6.58
CA LEU A 312 6.35 -29.28 5.70
C LEU A 312 6.63 -30.79 5.83
N ALA A 313 6.30 -31.33 7.00
CA ALA A 313 6.70 -32.71 7.29
C ALA A 313 5.91 -33.68 6.37
N ASN A 314 4.59 -33.52 6.35
CA ASN A 314 3.71 -34.22 5.46
C ASN A 314 3.41 -33.47 4.16
N MET A 315 4.44 -32.96 3.47
CA MET A 315 4.20 -32.10 2.29
C MET A 315 4.66 -32.74 0.99
N ASP A 316 3.71 -33.00 0.07
CA ASP A 316 4.01 -33.45 -1.32
C ASP A 316 4.52 -32.36 -2.30
N ASP A 317 5.19 -32.81 -3.37
CA ASP A 317 5.69 -31.95 -4.45
C ASP A 317 4.63 -31.03 -5.07
N ALA A 318 3.39 -31.48 -5.13
CA ALA A 318 2.35 -30.75 -5.83
C ALA A 318 1.86 -29.52 -5.01
N ARG A 319 1.89 -29.65 -3.69
CA ARG A 319 1.52 -28.59 -2.78
C ARG A 319 2.62 -27.54 -2.71
N TRP A 320 3.85 -27.98 -2.86
CA TRP A 320 4.97 -27.09 -2.95
C TRP A 320 5.01 -26.40 -4.33
N ASP A 321 5.03 -27.21 -5.38
CA ASP A 321 5.21 -26.72 -6.72
C ASP A 321 4.01 -25.88 -7.16
N ALA A 322 2.80 -26.32 -6.82
CA ALA A 322 1.64 -25.55 -7.31
C ALA A 322 1.67 -24.14 -6.73
N VAL A 323 1.99 -24.02 -5.44
CA VAL A 323 2.05 -22.71 -4.79
C VAL A 323 3.20 -21.81 -5.29
N LEU A 324 4.40 -22.37 -5.42
CA LEU A 324 5.52 -21.64 -6.02
C LEU A 324 5.19 -21.08 -7.38
N ALA A 325 4.49 -21.87 -8.19
CA ALA A 325 4.19 -21.49 -9.59
C ALA A 325 3.25 -20.28 -9.67
N VAL A 326 2.10 -20.31 -9.01
CA VAL A 326 1.22 -19.14 -9.10
C VAL A 326 1.80 -17.92 -8.38
N ASN A 327 2.27 -18.09 -7.15
CA ASN A 327 2.45 -16.99 -6.24
C ASN A 327 3.79 -16.26 -6.45
N LEU A 328 4.74 -16.94 -7.11
CA LEU A 328 6.12 -16.48 -7.20
C LEU A 328 6.71 -16.43 -8.61
N LEU A 329 6.75 -17.57 -9.30
CA LEU A 329 7.38 -17.63 -10.64
C LEU A 329 6.58 -16.79 -11.61
N ALA A 330 5.27 -16.97 -11.63
CA ALA A 330 4.43 -16.19 -12.51
C ALA A 330 4.49 -14.65 -12.30
N PRO A 331 4.44 -14.15 -11.05
CA PRO A 331 4.56 -12.71 -10.96
C PRO A 331 5.91 -12.17 -11.45
N LEU A 332 6.96 -12.96 -11.23
CA LEU A 332 8.30 -12.61 -11.73
C LEU A 332 8.31 -12.63 -13.27
N ARG A 333 7.85 -13.75 -13.81
CA ARG A 333 7.85 -13.99 -15.25
C ARG A 333 6.96 -12.93 -15.97
N LEU A 334 5.82 -12.60 -15.37
CA LEU A 334 4.91 -11.62 -15.93
C LEU A 334 5.42 -10.19 -15.94
N THR A 335 6.19 -9.83 -14.93
CA THR A 335 6.70 -8.48 -14.79
C THR A 335 7.91 -8.25 -15.71
N GLU A 336 8.82 -9.22 -15.77
CA GLU A 336 9.98 -9.18 -16.69
C GLU A 336 9.45 -9.31 -18.09
N GLY A 337 8.50 -10.24 -18.28
CA GLY A 337 7.85 -10.43 -19.56
C GLY A 337 7.32 -9.12 -20.11
N LEU A 338 6.50 -8.45 -19.31
CA LEU A 338 5.70 -7.36 -19.83
C LEU A 338 6.48 -6.09 -20.01
N VAL A 339 7.49 -5.90 -19.17
CA VAL A 339 8.39 -4.77 -19.31
C VAL A 339 9.39 -5.04 -20.46
N GLY A 340 9.83 -6.30 -20.55
CA GLY A 340 10.79 -6.72 -21.56
C GLY A 340 10.32 -6.53 -23.00
N ASN A 341 9.02 -6.69 -23.28
CA ASN A 341 8.55 -6.49 -24.67
C ASN A 341 7.95 -5.12 -24.93
N GLY A 342 8.03 -4.24 -23.92
CA GLY A 342 7.58 -2.86 -24.04
C GLY A 342 6.12 -2.60 -23.71
N SER A 343 5.38 -3.64 -23.33
CA SER A 343 3.96 -3.52 -22.90
C SER A 343 3.77 -2.51 -21.76
N ILE A 344 4.68 -2.53 -20.79
CA ILE A 344 4.74 -1.54 -19.74
C ILE A 344 6.04 -0.78 -19.93
N GLY A 345 5.94 0.53 -20.03
CA GLY A 345 7.13 1.36 -20.19
C GLY A 345 7.15 2.52 -19.21
N GLU A 346 7.80 3.60 -19.60
CA GLU A 346 8.01 4.70 -18.67
C GLU A 346 6.67 5.12 -18.05
N GLY A 347 6.67 5.44 -16.75
CA GLY A 347 5.45 5.82 -16.04
C GLY A 347 4.77 4.58 -15.44
N GLY A 348 5.32 3.41 -15.76
CA GLY A 348 4.82 2.15 -15.24
C GLY A 348 4.67 1.94 -13.71
N ARG A 349 3.80 0.99 -13.36
CA ARG A 349 3.53 0.66 -11.99
C ARG A 349 3.32 -0.83 -11.89
N VAL A 350 4.13 -1.48 -11.06
CA VAL A 350 3.91 -2.87 -10.71
C VAL A 350 3.60 -2.95 -9.22
N ILE A 351 2.50 -3.60 -8.84
CA ILE A 351 2.24 -3.77 -7.43
C ILE A 351 2.06 -5.26 -7.18
N GLY A 352 2.77 -5.78 -6.17
CA GLY A 352 2.63 -7.15 -5.72
C GLY A 352 1.79 -7.39 -4.47
N LEU A 353 1.11 -8.54 -4.43
CA LEU A 353 0.45 -8.94 -3.20
C LEU A 353 1.33 -9.83 -2.36
N SER A 354 1.88 -9.24 -1.31
CA SER A 354 2.63 -10.06 -0.36
C SER A 354 1.70 -10.56 0.72
N SER A 355 2.21 -10.87 1.90
CA SER A 355 1.36 -11.22 3.05
C SER A 355 2.06 -11.12 4.41
N ILE A 356 1.32 -10.99 5.51
CA ILE A 356 1.92 -11.09 6.84
C ILE A 356 2.65 -12.42 7.01
N ALA A 357 2.11 -13.49 6.43
CA ALA A 357 2.83 -14.77 6.46
C ALA A 357 4.23 -14.63 5.88
N GLY A 358 4.40 -13.84 4.84
CA GLY A 358 5.70 -13.69 4.21
C GLY A 358 6.65 -12.99 5.16
N ILE A 359 6.11 -12.18 6.09
CA ILE A 359 6.92 -11.39 6.99
C ILE A 359 7.19 -12.15 8.27
N ALA A 360 6.15 -12.76 8.84
CA ALA A 360 6.24 -13.40 10.17
C ALA A 360 6.30 -14.92 10.12
N GLY A 361 5.98 -15.47 8.95
CA GLY A 361 5.82 -16.88 8.82
C GLY A 361 4.48 -17.29 9.41
N ASN A 362 4.07 -18.49 9.05
CA ASN A 362 2.88 -19.07 9.59
C ASN A 362 2.94 -20.59 9.60
N ARG A 363 2.26 -21.19 10.56
CA ARG A 363 2.27 -22.62 10.71
C ARG A 363 1.47 -23.24 9.54
N GLY A 364 2.10 -24.14 8.81
CA GLY A 364 1.40 -24.90 7.82
C GLY A 364 1.55 -24.30 6.45
N GLN A 365 2.43 -23.29 6.33
CA GLN A 365 2.60 -22.50 5.12
C GLN A 365 4.01 -22.23 4.69
N THR A 366 4.95 -23.14 4.95
CA THR A 366 6.31 -22.93 4.49
C THR A 366 6.36 -22.63 2.99
N ASN A 367 5.39 -23.14 2.23
CA ASN A 367 5.41 -22.90 0.78
C ASN A 367 4.91 -21.51 0.45
N TYR A 368 3.67 -21.25 0.83
CA TYR A 368 3.04 -19.96 0.72
C TYR A 368 3.89 -18.77 1.21
N ALA A 369 4.44 -18.88 2.43
CA ALA A 369 5.25 -17.81 3.05
C ALA A 369 6.53 -17.59 2.28
N THR A 370 7.08 -18.67 1.73
CA THR A 370 8.22 -18.58 0.83
C THR A 370 7.82 -17.72 -0.35
N THR A 371 6.62 -17.96 -0.87
CA THR A 371 6.23 -17.12 -2.02
C THR A 371 6.01 -15.67 -1.61
N LYS A 372 5.40 -15.43 -0.43
CA LYS A 372 5.05 -14.05 -0.10
C LYS A 372 6.28 -13.22 0.31
N ALA A 373 7.23 -13.87 0.97
CA ALA A 373 8.57 -13.32 1.13
C ALA A 373 9.25 -13.15 -0.24
N GLY A 374 9.06 -14.15 -1.12
CA GLY A 374 9.57 -14.08 -2.48
C GLY A 374 9.10 -12.80 -3.14
N MET A 375 7.84 -12.46 -2.91
CA MET A 375 7.25 -11.29 -3.56
C MET A 375 7.88 -10.02 -3.04
N ILE A 376 8.29 -10.03 -1.76
CA ILE A 376 9.07 -8.93 -1.18
C ILE A 376 10.41 -8.93 -1.91
N GLY A 377 10.93 -10.13 -2.16
CA GLY A 377 12.14 -10.30 -2.96
C GLY A 377 12.06 -9.65 -4.36
N ILE A 378 10.95 -9.86 -5.06
CA ILE A 378 10.76 -9.23 -6.36
C ILE A 378 10.81 -7.73 -6.26
N THR A 379 10.11 -7.18 -5.28
CA THR A 379 9.95 -5.74 -5.10
C THR A 379 11.28 -5.08 -4.78
N GLN A 380 12.02 -5.65 -3.85
CA GLN A 380 13.37 -5.14 -3.58
C GLN A 380 14.45 -5.40 -4.69
N ALA A 381 14.44 -6.58 -5.28
CA ALA A 381 15.44 -6.83 -6.34
C ALA A 381 15.27 -6.02 -7.66
N LEU A 382 14.04 -5.84 -8.12
CA LEU A 382 13.80 -5.15 -9.39
C LEU A 382 13.68 -3.61 -9.26
N ALA A 383 13.56 -3.06 -8.06
CA ALA A 383 13.41 -1.60 -7.88
C ALA A 383 14.45 -0.70 -8.59
N PRO A 384 15.77 -0.96 -8.41
CA PRO A 384 16.80 -0.26 -9.20
C PRO A 384 16.66 -0.36 -10.74
N GLY A 385 16.59 -1.58 -11.28
CA GLY A 385 16.53 -1.80 -12.74
C GLY A 385 15.37 -0.99 -13.34
N LEU A 386 14.19 -1.21 -12.76
CA LEU A 386 12.93 -0.64 -13.20
C LEU A 386 12.92 0.86 -13.03
N ALA A 387 13.50 1.37 -11.94
CA ALA A 387 13.69 2.84 -11.75
C ALA A 387 14.43 3.50 -12.92
N ALA A 388 15.44 2.79 -13.43
CA ALA A 388 16.19 3.23 -14.59
C ALA A 388 15.23 3.42 -15.77
N LYS A 389 14.14 2.63 -15.80
CA LYS A 389 13.23 2.57 -16.92
C LYS A 389 11.99 3.39 -16.72
N GLY A 390 11.97 4.17 -15.63
CA GLY A 390 10.81 4.99 -15.22
C GLY A 390 9.64 4.22 -14.62
N ILE A 391 9.94 3.07 -14.01
CA ILE A 391 8.91 2.19 -13.41
C ILE A 391 9.16 1.94 -11.92
N THR A 392 8.14 2.17 -11.09
CA THR A 392 8.13 1.75 -9.68
C THR A 392 7.52 0.39 -9.54
N ILE A 393 7.80 -0.23 -8.41
CA ILE A 393 7.30 -1.55 -8.03
C ILE A 393 7.25 -1.55 -6.49
N ASN A 394 6.16 -2.04 -5.93
CA ASN A 394 5.91 -1.93 -4.51
C ASN A 394 5.07 -3.12 -4.16
N ALA A 395 4.99 -3.40 -2.86
CA ALA A 395 4.17 -4.49 -2.37
C ALA A 395 3.26 -4.10 -1.18
N VAL A 396 2.13 -4.81 -1.10
CA VAL A 396 1.12 -4.57 -0.09
C VAL A 396 1.06 -5.91 0.62
N ALA A 397 1.12 -5.92 1.95
CA ALA A 397 1.04 -7.21 2.65
C ALA A 397 -0.23 -7.29 3.54
N PRO A 398 -1.33 -7.82 3.00
CA PRO A 398 -2.55 -7.89 3.82
C PRO A 398 -2.41 -8.72 5.10
N GLY A 399 -3.16 -8.33 6.12
CA GLY A 399 -3.25 -9.21 7.30
C GLY A 399 -4.57 -9.97 7.31
N PHE A 400 -5.33 -9.79 8.38
CA PHE A 400 -6.62 -10.44 8.50
C PHE A 400 -7.72 -9.68 7.73
N ILE A 401 -7.92 -10.08 6.47
CA ILE A 401 -9.01 -9.48 5.68
C ILE A 401 -10.21 -10.41 5.69
N GLU A 402 -11.40 -9.81 5.78
CA GLU A 402 -12.63 -10.58 5.92
C GLU A 402 -12.99 -11.40 4.67
N THR A 403 -13.20 -10.75 3.52
CA THR A 403 -13.53 -11.50 2.29
C THR A 403 -12.30 -11.95 1.42
N GLN A 404 -11.77 -13.16 1.66
CA GLN A 404 -12.14 -14.01 2.80
C GLN A 404 -10.88 -14.43 3.56
N MET A 405 -11.08 -15.08 4.72
CA MET A 405 -9.99 -15.70 5.52
C MET A 405 -10.13 -17.23 5.57
N ILE A 409 -10.84 -21.86 7.73
CA ILE A 409 -10.19 -21.97 9.04
C ILE A 409 -11.20 -21.95 10.22
N PRO A 410 -11.01 -22.81 11.24
CA PRO A 410 -11.96 -22.91 12.37
C PRO A 410 -12.53 -21.54 12.73
N LEU A 411 -13.85 -21.45 12.84
CA LEU A 411 -14.50 -20.23 13.37
C LEU A 411 -14.35 -20.13 14.90
N ALA A 412 -13.32 -20.80 15.43
CA ALA A 412 -12.84 -20.65 16.83
C ALA A 412 -11.57 -19.77 16.88
N THR A 413 -10.74 -19.87 15.84
CA THR A 413 -9.56 -19.04 15.66
C THR A 413 -9.86 -17.77 14.83
N ARG A 414 -10.80 -17.88 13.87
CA ARG A 414 -11.32 -16.72 13.14
C ARG A 414 -11.68 -15.63 14.15
N GLU A 415 -12.67 -15.91 15.01
CA GLU A 415 -13.24 -14.93 15.98
C GLU A 415 -12.23 -14.32 16.96
N VAL A 416 -11.00 -14.84 16.96
CA VAL A 416 -9.89 -14.28 17.77
C VAL A 416 -8.89 -13.48 16.90
N GLY A 417 -8.23 -14.16 15.96
CA GLY A 417 -7.28 -13.54 15.03
C GLY A 417 -7.71 -12.23 14.39
N ARG A 418 -9.02 -11.99 14.36
CA ARG A 418 -9.67 -10.80 13.84
C ARG A 418 -9.56 -9.58 14.75
N ARG A 419 -9.33 -9.86 16.03
CA ARG A 419 -9.19 -8.83 17.06
C ARG A 419 -7.75 -8.43 17.38
N LEU A 420 -6.79 -9.29 16.99
CA LEU A 420 -5.37 -9.16 17.35
C LEU A 420 -4.63 -8.05 16.63
N ASN A 421 -5.19 -6.85 16.73
CA ASN A 421 -4.65 -5.68 16.08
C ASN A 421 -5.09 -4.40 16.75
N SER A 422 -4.30 -3.34 16.60
CA SER A 422 -4.66 -2.09 17.22
C SER A 422 -6.13 -1.61 16.98
N LEU A 423 -6.67 -1.83 15.76
CA LEU A 423 -8.06 -1.40 15.44
C LEU A 423 -9.16 -2.39 15.90
N LEU A 424 -8.76 -3.55 16.43
CA LEU A 424 -9.66 -4.54 17.02
C LEU A 424 -10.70 -5.18 16.07
N GLN A 425 -10.54 -5.02 14.76
CA GLN A 425 -11.45 -5.62 13.76
C GLN A 425 -10.70 -6.11 12.53
N GLY A 426 -11.32 -7.00 11.75
CA GLY A 426 -10.72 -7.52 10.53
C GLY A 426 -10.92 -6.45 9.48
N GLY A 427 -10.08 -6.41 8.44
CA GLY A 427 -10.25 -5.37 7.41
C GLY A 427 -11.09 -5.87 6.25
N GLN A 428 -11.21 -5.04 5.25
CA GLN A 428 -12.01 -5.32 4.06
C GLN A 428 -11.19 -5.18 2.75
N PRO A 429 -11.46 -6.02 1.77
CA PRO A 429 -10.84 -5.89 0.47
C PRO A 429 -10.58 -4.44 -0.03
N VAL A 430 -11.55 -3.53 0.15
CA VAL A 430 -11.38 -2.14 -0.33
C VAL A 430 -10.12 -1.50 0.29
N ASP A 431 -9.81 -1.87 1.54
CA ASP A 431 -8.68 -1.25 2.28
C ASP A 431 -7.38 -1.61 1.67
N VAL A 432 -7.26 -2.90 1.35
CA VAL A 432 -6.12 -3.44 0.62
C VAL A 432 -6.06 -2.83 -0.76
N ALA A 433 -7.20 -2.58 -1.38
CA ALA A 433 -7.19 -2.08 -2.78
C ALA A 433 -6.75 -0.66 -2.79
N GLU A 434 -7.18 0.09 -1.76
CA GLU A 434 -6.75 1.51 -1.65
C GLU A 434 -5.22 1.67 -1.59
N ALA A 435 -4.57 1.00 -0.65
CA ALA A 435 -3.10 0.96 -0.65
C ALA A 435 -2.55 0.70 -2.06
N ILE A 436 -3.02 -0.39 -2.67
CA ILE A 436 -2.64 -0.67 -4.03
C ILE A 436 -2.88 0.51 -4.98
N ALA A 437 -4.07 1.12 -4.96
CA ALA A 437 -4.33 2.32 -5.83
C ALA A 437 -3.37 3.46 -5.55
N TYR A 438 -3.01 3.65 -4.29
CA TYR A 438 -1.97 4.65 -3.89
C TYR A 438 -0.63 4.49 -4.66
N PHE A 439 -0.10 3.28 -4.68
CA PHE A 439 1.12 2.99 -5.43
C PHE A 439 0.91 3.22 -6.94
N ALA A 440 -0.27 2.83 -7.43
CA ALA A 440 -0.57 2.96 -8.87
C ALA A 440 -0.61 4.40 -9.30
N SER A 441 -0.97 5.32 -8.41
CA SER A 441 -1.00 6.75 -8.72
C SER A 441 0.10 7.26 -9.66
N PRO A 442 -0.27 8.01 -10.71
CA PRO A 442 0.72 8.68 -11.59
C PRO A 442 1.69 9.51 -10.82
N ALA A 443 1.27 10.01 -9.65
CA ALA A 443 2.11 10.89 -8.83
C ALA A 443 2.83 10.16 -7.69
N SER A 444 2.78 8.83 -7.68
CA SER A 444 3.55 8.06 -6.69
C SER A 444 4.87 7.57 -7.31
N ASN A 445 5.53 8.44 -8.06
CA ASN A 445 6.70 8.01 -8.82
C ASN A 445 7.93 8.02 -7.95
N ALA A 446 7.83 8.63 -6.78
CA ALA A 446 8.98 8.67 -5.89
C ALA A 446 8.81 7.61 -4.78
N VAL A 447 7.90 6.69 -4.99
CA VAL A 447 7.67 5.68 -4.00
C VAL A 447 7.96 4.38 -4.72
N THR A 448 9.08 3.74 -4.40
CA THR A 448 9.36 2.45 -4.99
C THR A 448 10.03 1.60 -3.96
N GLY A 449 10.05 0.29 -4.20
CA GLY A 449 10.65 -0.66 -3.28
C GLY A 449 9.97 -0.77 -1.91
N ASN A 450 8.74 -0.27 -1.79
CA ASN A 450 8.08 -0.23 -0.48
C ASN A 450 7.29 -1.49 -0.23
N VAL A 451 7.29 -1.94 1.01
CA VAL A 451 6.36 -2.99 1.46
C VAL A 451 5.49 -2.39 2.60
N ILE A 452 4.19 -2.32 2.35
CA ILE A 452 3.23 -1.79 3.31
C ILE A 452 2.24 -2.88 3.67
N ARG A 453 2.09 -3.13 4.96
CA ARG A 453 1.13 -4.07 5.44
C ARG A 453 -0.18 -3.35 5.52
N VAL A 454 -1.26 -4.04 5.19
CA VAL A 454 -2.62 -3.51 5.41
C VAL A 454 -3.27 -4.48 6.36
N CYS A 455 -3.15 -4.17 7.65
CA CYS A 455 -3.37 -5.13 8.73
C CYS A 455 -3.99 -4.51 10.03
N GLY A 456 -4.36 -3.23 9.96
CA GLY A 456 -4.66 -2.40 11.17
C GLY A 456 -3.72 -2.55 12.37
N GLN A 457 -2.42 -2.65 12.07
CA GLN A 457 -1.39 -2.85 13.08
C GLN A 457 -1.68 -4.13 13.87
N ALA A 458 -1.62 -5.24 13.14
CA ALA A 458 -1.81 -6.55 13.67
C ALA A 458 -0.63 -6.84 14.55
N MET A 459 -0.91 -7.44 15.71
N MET A 459 -0.90 -7.40 15.73
CA MET A 459 0.11 -7.74 16.72
CA MET A 459 0.14 -7.75 16.69
C MET A 459 1.29 -8.59 16.20
C MET A 459 1.33 -8.41 16.02
N ILE A 460 1.06 -9.37 15.16
CA ILE A 460 2.05 -10.29 14.67
C ILE A 460 3.04 -9.69 13.61
N GLY A 461 4.29 -10.15 13.68
CA GLY A 461 5.34 -9.69 12.75
C GLY A 461 6.68 -10.31 13.05
N ALA A 462 7.72 -9.84 12.37
CA ALA A 462 9.12 -10.27 12.62
C ALA A 462 9.74 -9.40 13.68
#